data_3IPS
#
_entry.id   3IPS
#
_cell.length_a   123.051
_cell.length_b   123.051
_cell.length_c   91.636
_cell.angle_alpha   90.00
_cell.angle_beta   90.00
_cell.angle_gamma   90.00
#
_symmetry.space_group_name_H-M   'P 4 21 2'
#
loop_
_entity.id
_entity.type
_entity.pdbx_description
1 polymer 'Oxysterols receptor LXR-alpha'
2 polymer 'Nuclear receptor coactivator 1'
3 non-polymer 'SULFATE ION'
4 non-polymer '{3-chloro-4-[(3-{[7-propyl-3-(trifluoromethyl)-1,2-benzisoxazol-6-yl]oxy}propyl)sulfanyl]phenyl}acetic acid'
5 water water
#
loop_
_entity_poly.entity_id
_entity_poly.type
_entity_poly.pdbx_seq_one_letter_code
_entity_poly.pdbx_strand_id
1 'polypeptide(L)'
;MKHQHQHQHQHQHQQPLQEEEQAHATSLPPRASSPPQILPQLSPEQLGMIEKLVAAQQQCNRRSFSDRLRVTPWPMAPDP
HSREARQQRFAHFTELAIVSVQEIVDFAKQLPGFLQLSREDQIALLKTSAIEVMLLETSRRYNPGSESITFLKDFSYNRE
DFAKAGLQVEFINPIFEFSRAMNELQLNDAEFALLIAISIFSADRPNVQDQLQVERLQHTYVEALHAYVSIHHPHDRLMF
PRMLMKLVSLRTLSSVHSEQVFALRLQDKKLPPLLSEIWDVHE
;
A,B
2 'polypeptide(L)' CPSSHSSLTERHKILHRLLQEGSPS C,D
#
loop_
_chem_comp.id
_chem_comp.type
_chem_comp.name
_chem_comp.formula
O90 non-polymer '{3-chloro-4-[(3-{[7-propyl-3-(trifluoromethyl)-1,2-benzisoxazol-6-yl]oxy}propyl)sulfanyl]phenyl}acetic acid' 'C22 H21 Cl F3 N O4 S'
SO4 non-polymer 'SULFATE ION' 'O4 S -2'
#
# COMPACT_ATOMS: atom_id res chain seq x y z
N GLN A 41 -22.63 -9.26 -14.22
CA GLN A 41 -24.01 -8.90 -13.77
C GLN A 41 -24.09 -9.21 -12.26
N LEU A 42 -24.66 -8.28 -11.49
CA LEU A 42 -24.79 -8.45 -10.03
C LEU A 42 -25.68 -9.68 -9.78
N SER A 43 -25.15 -10.64 -9.04
CA SER A 43 -25.91 -11.83 -8.75
C SER A 43 -26.81 -11.56 -7.54
N PRO A 44 -27.85 -12.39 -7.37
CA PRO A 44 -28.68 -12.36 -6.18
C PRO A 44 -27.89 -12.50 -4.89
N GLU A 45 -26.81 -13.27 -4.95
CA GLU A 45 -26.00 -13.54 -3.78
C GLU A 45 -25.17 -12.33 -3.43
N GLN A 46 -24.66 -11.66 -4.46
CA GLN A 46 -23.91 -10.40 -4.30
C GLN A 46 -24.84 -9.30 -3.83
N LEU A 47 -26.08 -9.30 -4.34
CA LEU A 47 -27.10 -8.32 -3.95
C LEU A 47 -27.38 -8.41 -2.45
N GLY A 48 -27.73 -9.60 -1.98
CA GLY A 48 -27.98 -9.87 -0.57
C GLY A 48 -26.83 -9.57 0.37
N MET A 49 -25.60 -9.93 -0.03
CA MET A 49 -24.41 -9.62 0.75
C MET A 49 -24.20 -8.15 0.88
N ILE A 50 -24.40 -7.41 -0.23
CA ILE A 50 -24.18 -5.96 -0.24
C ILE A 50 -25.16 -5.24 0.66
N GLU A 51 -26.41 -5.70 0.74
CA GLU A 51 -27.37 -5.09 1.64
C GLU A 51 -27.14 -5.47 3.11
N LYS A 52 -26.60 -6.67 3.34
CA LYS A 52 -26.23 -7.13 4.68
C LYS A 52 -25.18 -6.19 5.28
N LEU A 53 -24.16 -5.88 4.49
CA LEU A 53 -23.05 -4.99 4.88
C LEU A 53 -23.53 -3.55 5.14
N VAL A 54 -24.34 -3.03 4.24
CA VAL A 54 -24.95 -1.71 4.40
C VAL A 54 -25.80 -1.68 5.68
N ALA A 55 -26.70 -2.64 5.87
CA ALA A 55 -27.43 -2.76 7.15
C ALA A 55 -26.51 -2.92 8.36
N ALA A 56 -25.45 -3.70 8.20
CA ALA A 56 -24.47 -3.90 9.28
C ALA A 56 -23.91 -2.57 9.75
N GLN A 57 -23.52 -1.70 8.82
CA GLN A 57 -22.84 -0.45 9.15
CA GLN A 57 -22.85 -0.45 9.16
C GLN A 57 -23.81 0.61 9.72
N GLN A 58 -25.06 0.62 9.25
CA GLN A 58 -26.04 1.61 9.72
C GLN A 58 -26.48 1.37 11.17
N VAL A 71 -18.36 10.10 26.32
CA VAL A 71 -17.09 10.53 25.72
C VAL A 71 -16.65 11.93 26.20
N THR A 72 -15.42 12.01 26.71
CA THR A 72 -14.88 13.26 27.27
C THR A 72 -15.06 14.39 26.25
N PRO A 73 -15.86 15.43 26.58
CA PRO A 73 -16.16 16.44 25.54
C PRO A 73 -14.99 17.39 25.25
N TRP A 74 -15.19 18.27 24.25
CA TRP A 74 -14.11 19.08 23.70
C TRP A 74 -14.06 20.50 24.30
N PRO A 75 -12.99 20.84 25.06
CA PRO A 75 -12.84 22.23 25.56
C PRO A 75 -12.68 23.29 24.44
N SER A 82 -3.64 25.56 28.05
CA SER A 82 -3.15 24.92 29.28
C SER A 82 -2.81 23.45 29.05
N ARG A 83 -2.01 22.89 29.97
CA ARG A 83 -1.54 21.50 29.86
C ARG A 83 -2.62 20.45 30.10
N GLU A 84 -3.66 20.78 30.88
CA GLU A 84 -4.86 19.92 30.95
C GLU A 84 -5.73 20.05 29.69
N ALA A 85 -5.83 21.27 29.15
CA ALA A 85 -6.53 21.49 27.87
C ALA A 85 -6.05 20.49 26.81
N ARG A 86 -4.72 20.43 26.62
CA ARG A 86 -4.08 19.45 25.72
C ARG A 86 -4.47 17.99 26.02
N GLN A 87 -4.48 17.62 27.29
CA GLN A 87 -4.69 16.24 27.71
C GLN A 87 -6.12 15.78 27.54
N GLN A 88 -7.07 16.71 27.63
CA GLN A 88 -8.48 16.34 27.55
C GLN A 88 -9.01 16.42 26.10
N ARG A 89 -8.12 16.82 25.20
CA ARG A 89 -8.38 16.84 23.77
C ARG A 89 -7.89 15.53 23.21
N PHE A 90 -6.67 15.19 23.59
CA PHE A 90 -6.09 13.86 23.34
C PHE A 90 -7.00 12.75 23.88
N ALA A 91 -7.43 12.87 25.14
CA ALA A 91 -8.34 11.89 25.72
C ALA A 91 -9.66 11.82 24.94
N HIS A 92 -10.21 12.96 24.52
CA HIS A 92 -11.42 12.96 23.67
C HIS A 92 -11.14 12.28 22.34
N PHE A 93 -9.96 12.52 21.79
CA PHE A 93 -9.63 12.01 20.45
C PHE A 93 -9.38 10.52 20.50
N THR A 94 -8.55 10.07 21.43
CA THR A 94 -8.25 8.65 21.61
C THR A 94 -9.47 7.85 22.05
N GLU A 95 -10.41 8.50 22.74
CA GLU A 95 -11.67 7.84 23.10
C GLU A 95 -12.64 7.72 21.94
N LEU A 96 -12.58 8.63 20.97
CA LEU A 96 -13.35 8.52 19.72
C LEU A 96 -12.87 7.29 18.94
N ALA A 97 -11.56 7.04 18.95
CA ALA A 97 -10.98 5.88 18.30
C ALA A 97 -11.46 4.61 18.97
N ILE A 98 -11.44 4.58 20.31
CA ILE A 98 -11.97 3.45 21.07
C ILE A 98 -13.38 3.12 20.63
N VAL A 99 -14.19 4.12 20.31
CA VAL A 99 -15.55 3.88 19.79
C VAL A 99 -15.51 3.29 18.38
N SER A 100 -14.64 3.80 17.53
CA SER A 100 -14.50 3.25 16.18
C SER A 100 -14.06 1.78 16.22
N VAL A 101 -13.05 1.44 17.02
CA VAL A 101 -12.57 0.05 17.11
C VAL A 101 -13.65 -0.91 17.62
N GLN A 102 -14.53 -0.45 18.49
CA GLN A 102 -15.70 -1.24 18.89
C GLN A 102 -16.69 -1.38 17.73
N GLU A 103 -16.77 -0.37 16.86
CA GLU A 103 -17.71 -0.39 15.74
C GLU A 103 -17.23 -1.36 14.66
N ILE A 104 -15.93 -1.29 14.37
CA ILE A 104 -15.25 -2.12 13.36
C ILE A 104 -15.39 -3.60 13.73
N VAL A 105 -15.05 -3.93 14.97
CA VAL A 105 -15.23 -5.27 15.47
C VAL A 105 -16.68 -5.80 15.26
N ASP A 106 -17.71 -4.96 15.47
CA ASP A 106 -19.12 -5.38 15.31
C ASP A 106 -19.53 -5.56 13.86
N PHE A 107 -19.08 -4.66 13.02
CA PHE A 107 -19.34 -4.74 11.60
C PHE A 107 -18.70 -5.99 11.03
N ALA A 108 -17.42 -6.18 11.38
CA ALA A 108 -16.61 -7.33 10.93
C ALA A 108 -17.27 -8.67 11.23
N LYS A 109 -17.93 -8.77 12.39
CA LYS A 109 -18.60 -10.00 12.83
C LYS A 109 -19.80 -10.35 11.99
N GLN A 110 -20.29 -9.38 11.21
CA GLN A 110 -21.48 -9.58 10.34
C GLN A 110 -21.11 -9.77 8.86
N LEU A 111 -19.82 -9.74 8.55
CA LEU A 111 -19.34 -9.95 7.18
C LEU A 111 -19.30 -11.44 6.92
N PRO A 112 -20.05 -11.90 5.92
CA PRO A 112 -19.93 -13.32 5.57
C PRO A 112 -18.50 -13.82 5.56
N GLY A 113 -18.26 -14.95 6.22
CA GLY A 113 -16.95 -15.60 6.23
C GLY A 113 -16.05 -15.22 7.40
N PHE A 114 -16.35 -14.12 8.08
CA PHE A 114 -15.38 -13.55 9.01
C PHE A 114 -15.28 -14.43 10.22
N LEU A 115 -16.43 -14.74 10.82
CA LEU A 115 -16.45 -15.49 12.07
C LEU A 115 -16.10 -16.98 11.86
N GLN A 116 -16.18 -17.46 10.62
CA GLN A 116 -15.67 -18.80 10.28
C GLN A 116 -14.12 -18.86 10.29
N LEU A 117 -13.41 -17.73 10.29
CA LEU A 117 -11.92 -17.74 10.34
C LEU A 117 -11.49 -18.08 11.74
N SER A 118 -10.27 -18.61 11.95
CA SER A 118 -9.86 -18.81 13.34
C SER A 118 -9.94 -17.46 14.05
N ARG A 119 -10.34 -17.46 15.32
CA ARG A 119 -10.27 -16.26 16.16
C ARG A 119 -8.93 -15.57 16.08
N GLU A 120 -7.88 -16.35 15.94
CA GLU A 120 -6.54 -15.78 15.88
C GLU A 120 -6.40 -14.93 14.59
N ASP A 121 -6.95 -15.44 13.47
CA ASP A 121 -6.93 -14.77 12.15
C ASP A 121 -7.87 -13.54 12.20
N GLN A 122 -8.99 -13.64 12.91
CA GLN A 122 -9.89 -12.50 13.05
C GLN A 122 -9.12 -11.37 13.70
N ILE A 123 -8.47 -11.66 14.81
CA ILE A 123 -7.66 -10.67 15.51
C ILE A 123 -6.50 -10.18 14.62
N ALA A 124 -5.83 -11.09 13.94
CA ALA A 124 -4.78 -10.67 12.97
C ALA A 124 -5.37 -9.62 12.03
N LEU A 125 -6.59 -9.87 11.53
CA LEU A 125 -7.15 -9.00 10.51
C LEU A 125 -7.58 -7.68 11.12
N LEU A 126 -8.28 -7.71 12.25
CA LEU A 126 -8.81 -6.47 12.79
C LEU A 126 -7.69 -5.57 13.36
N LYS A 127 -6.67 -6.17 13.94
CA LYS A 127 -5.58 -5.40 14.56
C LYS A 127 -4.89 -4.47 13.58
N THR A 128 -4.56 -4.96 12.38
CA THR A 128 -3.80 -4.15 11.40
C THR A 128 -4.72 -3.30 10.51
N SER A 129 -5.93 -3.77 10.24
CA SER A 129 -6.84 -3.06 9.33
C SER A 129 -7.61 -1.94 9.98
N ALA A 130 -7.59 -1.86 11.30
CA ALA A 130 -8.42 -0.88 12.02
C ALA A 130 -8.03 0.51 11.61
N ILE A 131 -6.76 0.88 11.72
CA ILE A 131 -6.37 2.22 11.29
C ILE A 131 -6.87 2.48 9.87
N GLU A 132 -6.70 1.53 8.94
CA GLU A 132 -7.15 1.77 7.58
C GLU A 132 -8.65 2.03 7.53
N VAL A 133 -9.43 1.33 8.35
CA VAL A 133 -10.91 1.47 8.33
C VAL A 133 -11.28 2.78 9.03
N MET A 134 -10.55 3.15 10.06
CA MET A 134 -10.80 4.41 10.71
C MET A 134 -10.60 5.56 9.72
N LEU A 135 -9.55 5.43 8.88
CA LEU A 135 -9.28 6.37 7.80
C LEU A 135 -10.35 6.40 6.71
N LEU A 136 -10.92 5.27 6.33
CA LEU A 136 -12.02 5.30 5.36
C LEU A 136 -13.21 6.01 5.96
N GLU A 137 -13.52 5.72 7.21
CA GLU A 137 -14.74 6.25 7.85
C GLU A 137 -14.60 7.75 7.92
N THR A 138 -13.50 8.18 8.50
CA THR A 138 -13.05 9.57 8.48
C THR A 138 -13.27 10.33 7.18
N SER A 139 -12.94 9.73 6.04
CA SER A 139 -13.12 10.36 4.73
C SER A 139 -14.59 10.41 4.30
N ARG A 140 -15.43 9.53 4.85
CA ARG A 140 -16.88 9.62 4.64
C ARG A 140 -17.45 10.86 5.24
N ARG A 141 -16.77 11.35 6.27
CA ARG A 141 -17.27 12.42 7.09
C ARG A 141 -16.61 13.72 6.71
N TYR A 142 -15.84 13.73 5.62
CA TYR A 142 -15.19 14.94 5.14
C TYR A 142 -16.23 15.90 4.56
N ASN A 143 -16.15 17.15 5.03
CA ASN A 143 -16.94 18.26 4.50
C ASN A 143 -16.03 19.09 3.58
N PRO A 144 -16.24 19.00 2.25
CA PRO A 144 -15.34 19.64 1.30
C PRO A 144 -15.41 21.17 1.31
N GLY A 145 -16.54 21.74 1.76
CA GLY A 145 -16.73 23.19 1.87
C GLY A 145 -15.97 23.79 3.05
N SER A 146 -16.21 23.25 4.24
CA SER A 146 -15.49 23.69 5.43
C SER A 146 -14.08 23.09 5.57
N GLU A 147 -13.75 22.12 4.74
CA GLU A 147 -12.52 21.34 4.91
C GLU A 147 -12.39 20.78 6.35
N SER A 148 -13.47 20.15 6.83
CA SER A 148 -13.55 19.57 8.19
C SER A 148 -14.06 18.12 8.18
N ILE A 149 -13.89 17.42 9.31
CA ILE A 149 -14.43 16.07 9.52
C ILE A 149 -15.37 16.10 10.71
N THR A 150 -16.62 15.73 10.49
CA THR A 150 -17.62 15.80 11.53
C THR A 150 -17.83 14.43 12.20
N PHE A 151 -17.26 14.27 13.41
CA PHE A 151 -17.41 13.05 14.23
C PHE A 151 -18.55 13.23 15.21
N LEU A 152 -19.24 12.14 15.54
CA LEU A 152 -20.36 12.12 16.51
C LEU A 152 -21.64 12.93 16.11
N LYS A 153 -21.58 13.70 15.01
CA LYS A 153 -22.66 14.56 14.54
C LYS A 153 -22.92 15.79 15.43
N ASP A 154 -21.89 16.63 15.57
CA ASP A 154 -22.04 17.92 16.26
C ASP A 154 -20.89 18.86 15.90
N PHE A 155 -19.76 18.72 16.60
CA PHE A 155 -18.60 19.55 16.34
C PHE A 155 -17.88 18.90 15.17
N SER A 156 -17.20 19.72 14.38
CA SER A 156 -16.43 19.27 13.25
C SER A 156 -14.99 19.70 13.48
N TYR A 157 -14.06 18.90 12.98
CA TYR A 157 -12.66 19.02 13.32
C TYR A 157 -11.90 19.36 12.04
N ASN A 158 -10.91 20.24 12.16
CA ASN A 158 -10.06 20.64 11.04
C ASN A 158 -8.57 20.42 11.35
N ARG A 159 -7.70 20.63 10.38
CA ARG A 159 -6.27 20.34 10.55
C ARG A 159 -5.64 20.80 11.87
N GLU A 160 -6.12 21.87 12.50
CA GLU A 160 -5.50 22.36 13.74
C GLU A 160 -6.21 21.83 14.98
N ASP A 161 -7.52 21.58 14.90
CA ASP A 161 -8.21 20.79 15.93
C ASP A 161 -7.54 19.41 16.15
N PHE A 162 -7.21 18.74 15.04
CA PHE A 162 -6.42 17.50 15.08
C PHE A 162 -5.11 17.69 15.83
N ALA A 163 -4.40 18.78 15.54
CA ALA A 163 -3.07 19.03 16.10
C ALA A 163 -3.09 19.51 17.56
N LYS A 164 -4.14 20.21 17.97
CA LYS A 164 -4.39 20.50 19.39
C LYS A 164 -4.72 19.22 20.16
N ALA A 165 -5.32 18.26 19.45
CA ALA A 165 -5.64 16.94 19.99
C ALA A 165 -4.44 16.00 20.02
N GLY A 166 -3.27 16.49 19.61
CA GLY A 166 -2.00 15.78 19.83
C GLY A 166 -1.33 15.14 18.61
N LEU A 167 -1.99 15.21 17.45
CA LEU A 167 -1.47 14.58 16.23
C LEU A 167 -0.39 15.46 15.56
N GLN A 168 0.67 14.82 15.07
CA GLN A 168 1.78 15.52 14.40
C GLN A 168 1.37 15.85 12.97
N VAL A 169 1.75 17.04 12.47
CA VAL A 169 1.28 17.49 11.13
C VAL A 169 1.68 16.55 9.97
N GLU A 170 2.73 15.76 10.18
CA GLU A 170 3.17 14.76 9.19
C GLU A 170 2.13 13.66 8.92
N PHE A 171 1.16 13.53 9.83
CA PHE A 171 0.09 12.55 9.71
C PHE A 171 -1.23 13.21 9.37
N ILE A 172 -1.49 14.39 9.94
CA ILE A 172 -2.74 15.09 9.65
C ILE A 172 -2.85 15.50 8.17
N ASN A 173 -1.75 15.94 7.59
CA ASN A 173 -1.84 16.43 6.22
C ASN A 173 -2.31 15.32 5.27
N PRO A 174 -1.63 14.14 5.24
CA PRO A 174 -2.16 12.93 4.58
C PRO A 174 -3.61 12.48 4.91
N ILE A 175 -4.05 12.55 6.16
CA ILE A 175 -5.45 12.25 6.47
C ILE A 175 -6.36 13.08 5.60
N PHE A 176 -6.19 14.39 5.66
CA PHE A 176 -7.06 15.32 4.93
C PHE A 176 -6.87 15.30 3.42
N GLU A 177 -5.65 15.06 2.96
CA GLU A 177 -5.41 14.97 1.53
C GLU A 177 -6.01 13.68 0.98
N PHE A 178 -5.98 12.60 1.78
CA PHE A 178 -6.64 11.33 1.42
C PHE A 178 -8.15 11.48 1.39
N SER A 179 -8.71 12.14 2.41
CA SER A 179 -10.15 12.45 2.46
C SER A 179 -10.64 13.40 1.35
N ARG A 180 -9.78 14.33 0.91
CA ARG A 180 -10.08 15.17 -0.24
C ARG A 180 -10.16 14.31 -1.51
N ALA A 181 -9.26 13.35 -1.63
CA ALA A 181 -9.23 12.49 -2.79
C ALA A 181 -10.38 11.51 -2.75
N MET A 182 -10.61 10.85 -1.61
CA MET A 182 -11.76 9.93 -1.46
C MET A 182 -13.07 10.59 -1.79
N ASN A 183 -13.23 11.82 -1.33
CA ASN A 183 -14.47 12.58 -1.48
C ASN A 183 -14.76 12.99 -2.92
N GLU A 184 -13.70 13.13 -3.72
CA GLU A 184 -13.81 13.41 -5.15
C GLU A 184 -14.47 12.31 -5.97
N LEU A 185 -14.28 11.06 -5.54
CA LEU A 185 -14.94 9.88 -6.12
C LEU A 185 -16.42 9.79 -5.76
N GLN A 186 -16.84 10.46 -4.68
CA GLN A 186 -18.24 10.52 -4.25
C GLN A 186 -18.87 9.14 -4.01
N LEU A 187 -18.15 8.30 -3.26
CA LEU A 187 -18.64 6.93 -3.00
C LEU A 187 -19.91 6.97 -2.15
N ASN A 188 -20.86 6.05 -2.37
CA ASN A 188 -21.98 5.96 -1.45
C ASN A 188 -21.71 4.87 -0.39
N ASP A 189 -22.72 4.60 0.44
CA ASP A 189 -22.57 3.65 1.53
C ASP A 189 -22.08 2.27 1.07
N ALA A 190 -22.82 1.63 0.15
CA ALA A 190 -22.49 0.28 -0.31
C ALA A 190 -21.02 0.18 -0.72
N GLU A 191 -20.48 1.24 -1.33
CA GLU A 191 -19.12 1.21 -1.84
C GLU A 191 -18.13 1.35 -0.69
N PHE A 192 -18.41 2.20 0.30
CA PHE A 192 -17.54 2.29 1.48
C PHE A 192 -17.56 0.99 2.26
N ALA A 193 -18.74 0.36 2.33
CA ALA A 193 -18.90 -0.84 3.12
C ALA A 193 -17.99 -1.95 2.58
N LEU A 194 -17.91 -2.05 1.27
CA LEU A 194 -17.14 -3.07 0.57
C LEU A 194 -15.63 -2.79 0.46
N LEU A 195 -15.23 -1.53 0.42
CA LEU A 195 -13.81 -1.23 0.53
C LEU A 195 -13.37 -1.64 1.93
N ILE A 196 -14.24 -1.40 2.91
CA ILE A 196 -13.96 -1.75 4.28
C ILE A 196 -13.85 -3.25 4.43
N ALA A 197 -14.65 -4.02 3.68
CA ALA A 197 -14.58 -5.49 3.76
C ALA A 197 -13.26 -6.02 3.15
N ILE A 198 -12.92 -5.50 1.97
CA ILE A 198 -11.67 -5.81 1.26
C ILE A 198 -10.48 -5.37 2.09
N SER A 199 -10.60 -4.24 2.77
CA SER A 199 -9.50 -3.78 3.59
C SER A 199 -9.21 -4.80 4.68
N ILE A 200 -10.28 -5.36 5.24
CA ILE A 200 -10.19 -6.28 6.39
C ILE A 200 -9.64 -7.66 6.02
N PHE A 201 -10.19 -8.23 4.95
CA PHE A 201 -9.74 -9.45 4.34
C PHE A 201 -8.48 -9.26 3.49
N SER A 202 -7.41 -8.77 4.10
CA SER A 202 -6.12 -8.69 3.39
C SER A 202 -5.24 -9.86 3.82
N ALA A 203 -5.04 -10.83 2.93
CA ALA A 203 -4.27 -12.02 3.25
C ALA A 203 -2.83 -11.75 3.58
N ASP A 204 -2.33 -10.53 3.31
CA ASP A 204 -0.91 -10.18 3.51
C ASP A 204 -0.57 -9.50 4.84
N ARG A 205 -1.55 -9.39 5.73
CA ARG A 205 -1.33 -8.88 7.11
C ARG A 205 -0.35 -9.74 7.90
N PRO A 206 0.43 -9.12 8.81
CA PRO A 206 1.27 -10.00 9.63
C PRO A 206 0.41 -11.04 10.34
N ASN A 207 0.93 -12.26 10.43
CA ASN A 207 0.36 -13.31 11.27
C ASN A 207 -0.99 -13.93 10.85
N VAL A 208 -1.42 -13.67 9.61
CA VAL A 208 -2.57 -14.41 9.05
C VAL A 208 -2.09 -15.84 8.77
N GLN A 209 -2.94 -16.81 9.08
CA GLN A 209 -2.57 -18.21 8.96
C GLN A 209 -3.15 -18.78 7.69
N ASP A 210 -4.47 -18.74 7.57
CA ASP A 210 -5.14 -19.24 6.39
C ASP A 210 -5.17 -18.11 5.37
N GLN A 211 -4.03 -17.83 4.78
CA GLN A 211 -3.92 -16.77 3.80
C GLN A 211 -4.76 -17.06 2.56
N LEU A 212 -4.89 -18.33 2.21
CA LEU A 212 -5.61 -18.71 1.01
C LEU A 212 -7.10 -18.35 1.12
N GLN A 213 -7.70 -18.64 2.29
CA GLN A 213 -9.14 -18.37 2.50
C GLN A 213 -9.45 -16.89 2.76
N VAL A 214 -8.52 -16.16 3.37
CA VAL A 214 -8.68 -14.72 3.52
C VAL A 214 -8.64 -14.08 2.14
N GLU A 215 -7.79 -14.59 1.26
CA GLU A 215 -7.68 -14.09 -0.11
C GLU A 215 -8.88 -14.47 -0.93
N ARG A 216 -9.38 -15.67 -0.75
CA ARG A 216 -10.65 -16.08 -1.38
C ARG A 216 -11.86 -15.24 -0.96
N LEU A 217 -11.92 -14.89 0.33
CA LEU A 217 -13.03 -14.08 0.85
C LEU A 217 -12.96 -12.69 0.29
N GLN A 218 -11.74 -12.17 0.16
CA GLN A 218 -11.53 -10.84 -0.38
C GLN A 218 -12.03 -10.73 -1.82
N HIS A 219 -11.81 -11.78 -2.60
CA HIS A 219 -12.29 -11.81 -3.98
C HIS A 219 -13.78 -11.69 -4.07
N THR A 220 -14.50 -12.42 -3.25
CA THR A 220 -15.94 -12.33 -3.30
C THR A 220 -16.40 -10.87 -3.10
N TYR A 221 -15.70 -10.11 -2.25
CA TYR A 221 -16.06 -8.70 -2.07
C TYR A 221 -15.61 -7.82 -3.23
N VAL A 222 -14.41 -8.06 -3.74
CA VAL A 222 -13.85 -7.33 -4.88
C VAL A 222 -14.74 -7.49 -6.12
N GLU A 223 -15.21 -8.72 -6.35
CA GLU A 223 -16.20 -9.00 -7.40
C GLU A 223 -17.56 -8.33 -7.16
N ALA A 224 -18.02 -8.34 -5.92
CA ALA A 224 -19.25 -7.63 -5.50
C ALA A 224 -19.20 -6.15 -5.86
N LEU A 225 -18.07 -5.51 -5.57
CA LEU A 225 -17.81 -4.11 -5.84
C LEU A 225 -17.74 -3.84 -7.32
N HIS A 226 -17.10 -4.75 -8.04
CA HIS A 226 -17.06 -4.64 -9.49
C HIS A 226 -18.48 -4.58 -10.05
N ALA A 227 -19.28 -5.58 -9.69
CA ALA A 227 -20.64 -5.69 -10.23
C ALA A 227 -21.41 -4.46 -9.85
N TYR A 228 -21.27 -4.00 -8.61
CA TYR A 228 -22.09 -2.91 -8.10
C TYR A 228 -21.75 -1.62 -8.80
N VAL A 229 -20.45 -1.36 -8.93
CA VAL A 229 -19.99 -0.10 -9.53
C VAL A 229 -20.35 -0.01 -11.02
N SER A 230 -20.47 -1.17 -11.67
CA SER A 230 -21.01 -1.25 -13.01
C SER A 230 -22.51 -0.92 -13.08
N ILE A 231 -23.19 -0.93 -11.93
CA ILE A 231 -24.59 -0.47 -11.89
C ILE A 231 -24.59 1.00 -11.49
N HIS A 232 -23.83 1.32 -10.46
CA HIS A 232 -23.73 2.67 -10.00
C HIS A 232 -23.22 3.63 -11.09
N HIS A 233 -22.19 3.19 -11.83
CA HIS A 233 -21.44 4.01 -12.81
C HIS A 233 -21.28 3.25 -14.14
N PRO A 234 -22.37 3.17 -14.92
CA PRO A 234 -22.35 2.26 -16.09
C PRO A 234 -21.50 2.73 -17.27
N HIS A 235 -21.11 4.01 -17.26
CA HIS A 235 -20.35 4.58 -18.36
C HIS A 235 -18.85 4.77 -18.06
N ASP A 236 -18.46 4.73 -16.78
CA ASP A 236 -17.06 4.99 -16.36
C ASP A 236 -16.42 3.70 -15.82
N ARG A 237 -15.74 2.97 -16.71
CA ARG A 237 -15.08 1.71 -16.34
C ARG A 237 -13.91 1.91 -15.37
N LEU A 238 -13.54 3.16 -15.13
CA LEU A 238 -12.38 3.47 -14.26
C LEU A 238 -12.71 3.70 -12.80
N MET A 239 -13.99 3.82 -12.46
CA MET A 239 -14.39 4.08 -11.07
C MET A 239 -14.02 2.93 -10.17
N PHE A 240 -14.23 1.71 -10.65
CA PHE A 240 -13.85 0.54 -9.87
C PHE A 240 -12.36 0.47 -9.51
N PRO A 241 -11.45 0.49 -10.51
CA PRO A 241 -10.02 0.55 -10.14
C PRO A 241 -9.57 1.85 -9.46
N ARG A 242 -10.25 2.98 -9.66
CA ARG A 242 -9.92 4.15 -8.88
C ARG A 242 -10.26 3.94 -7.42
N MET A 243 -11.31 3.16 -7.14
CA MET A 243 -11.67 2.78 -5.76
C MET A 243 -10.68 1.83 -5.12
N LEU A 244 -10.33 0.77 -5.83
CA LEU A 244 -9.28 -0.14 -5.41
C LEU A 244 -7.96 0.59 -5.19
N MET A 245 -7.52 1.41 -6.14
CA MET A 245 -6.20 2.05 -6.01
C MET A 245 -6.09 2.85 -4.71
N LYS A 246 -7.19 3.46 -4.25
CA LYS A 246 -7.23 4.15 -2.96
C LYS A 246 -6.83 3.24 -1.79
N LEU A 247 -6.92 1.93 -1.98
CA LEU A 247 -6.42 0.97 -0.99
C LEU A 247 -4.88 0.97 -0.95
N VAL A 248 -4.26 1.23 -2.09
CA VAL A 248 -2.79 1.44 -2.14
C VAL A 248 -2.31 2.57 -1.23
N SER A 249 -2.92 3.75 -1.35
CA SER A 249 -2.66 4.91 -0.50
C SER A 249 -2.86 4.61 0.99
N LEU A 250 -3.96 3.97 1.35
CA LEU A 250 -4.20 3.53 2.76
C LEU A 250 -3.05 2.79 3.45
N ARG A 251 -2.26 2.00 2.72
CA ARG A 251 -1.12 1.29 3.32
C ARG A 251 0.01 2.22 3.67
N THR A 252 0.14 3.32 2.92
CA THR A 252 1.12 4.36 3.23
C THR A 252 0.64 5.14 4.45
N LEU A 253 -0.64 5.48 4.50
CA LEU A 253 -1.22 6.13 5.69
C LEU A 253 -1.17 5.26 6.93
N SER A 254 -1.29 3.95 6.75
CA SER A 254 -1.10 3.00 7.83
C SER A 254 0.32 3.06 8.37
N SER A 255 1.30 3.22 7.49
CA SER A 255 2.68 3.39 7.93
C SER A 255 3.00 4.80 8.44
N VAL A 256 2.39 5.84 7.86
CA VAL A 256 2.47 7.19 8.43
C VAL A 256 1.95 7.16 9.87
N HIS A 257 0.93 6.34 10.13
CA HIS A 257 0.33 6.22 11.46
C HIS A 257 1.23 5.49 12.48
N SER A 258 2.03 4.53 12.01
CA SER A 258 3.00 3.87 12.89
C SER A 258 4.05 4.83 13.40
N GLU A 259 4.38 5.84 12.59
CA GLU A 259 5.38 6.84 12.98
C GLU A 259 4.76 7.79 14.01
N GLN A 260 3.47 8.04 13.84
CA GLN A 260 2.70 8.82 14.80
C GLN A 260 2.74 8.14 16.16
N VAL A 261 2.32 6.88 16.20
CA VAL A 261 2.26 6.09 17.44
C VAL A 261 3.64 6.02 18.12
N PHE A 262 4.70 5.86 17.34
CA PHE A 262 6.06 5.86 17.87
C PHE A 262 6.47 7.22 18.39
N ALA A 263 6.00 8.28 17.75
CA ALA A 263 6.23 9.64 18.22
C ALA A 263 5.61 9.79 19.60
N LEU A 264 4.38 9.33 19.76
CA LEU A 264 3.68 9.37 21.06
C LEU A 264 4.45 8.60 22.14
N ARG A 265 5.21 7.58 21.74
CA ARG A 265 6.09 6.86 22.67
C ARG A 265 7.21 7.79 23.08
N LEU A 266 7.89 8.39 22.10
CA LEU A 266 9.03 9.29 22.37
C LEU A 266 8.66 10.44 23.32
N GLN A 267 7.61 11.20 23.02
CA GLN A 267 7.08 12.23 23.94
C GLN A 267 6.30 11.61 25.14
N ASP A 268 6.61 10.34 25.46
CA ASP A 268 5.92 9.49 26.45
C ASP A 268 4.42 9.71 26.68
N LYS A 269 3.65 9.83 25.60
CA LYS A 269 2.17 9.93 25.67
C LYS A 269 1.62 8.51 25.74
N LYS A 270 0.56 8.32 26.54
CA LYS A 270 0.05 6.98 26.81
C LYS A 270 -1.29 6.75 26.13
N LEU A 271 -1.34 5.75 25.25
CA LEU A 271 -2.60 5.35 24.63
C LEU A 271 -3.39 4.51 25.61
N PRO A 272 -4.73 4.59 25.57
CA PRO A 272 -5.58 3.75 26.40
C PRO A 272 -5.40 2.25 26.14
N PRO A 273 -6.03 1.39 26.96
CA PRO A 273 -5.82 -0.07 26.85
C PRO A 273 -6.08 -0.69 25.43
N LEU A 274 -7.26 -0.45 24.85
CA LEU A 274 -7.57 -1.06 23.54
C LEU A 274 -6.69 -0.52 22.41
N LEU A 275 -6.30 0.75 22.48
CA LEU A 275 -5.52 1.35 21.40
C LEU A 275 -4.05 1.01 21.56
N SER A 276 -3.57 0.90 22.79
CA SER A 276 -2.20 0.40 23.04
C SER A 276 -2.06 -1.07 22.61
N GLU A 277 -3.14 -1.82 22.81
CA GLU A 277 -3.19 -3.22 22.52
C GLU A 277 -3.03 -3.45 21.03
N ILE A 278 -3.88 -2.83 20.21
CA ILE A 278 -3.81 -3.00 18.75
C ILE A 278 -2.65 -2.23 18.09
N TRP A 279 -2.23 -1.11 18.67
CA TRP A 279 -1.20 -0.25 18.02
C TRP A 279 0.21 -0.23 18.59
N ASP A 280 0.40 -0.42 19.88
CA ASP A 280 1.74 -0.32 20.45
C ASP A 280 2.58 -1.54 20.11
N VAL A 281 3.88 -1.32 19.94
CA VAL A 281 4.83 -2.37 19.61
C VAL A 281 5.36 -2.82 20.97
N HIS A 282 4.74 -3.89 21.49
CA HIS A 282 5.15 -4.53 22.73
C HIS A 282 6.29 -5.52 22.42
N GLN B 41 -12.27 -3.85 -24.37
CA GLN B 41 -11.96 -4.18 -25.81
C GLN B 41 -10.66 -3.44 -26.16
N LEU B 42 -9.58 -4.20 -26.41
CA LEU B 42 -8.27 -3.58 -26.66
C LEU B 42 -8.31 -2.79 -27.96
N SER B 43 -8.18 -1.48 -27.85
CA SER B 43 -8.10 -0.63 -29.03
C SER B 43 -6.73 -0.78 -29.72
N PRO B 44 -6.62 -0.32 -30.98
CA PRO B 44 -5.34 -0.27 -31.68
C PRO B 44 -4.28 0.53 -30.96
N GLU B 45 -4.67 1.65 -30.34
CA GLU B 45 -3.75 2.51 -29.57
C GLU B 45 -3.16 1.80 -28.33
N GLN B 46 -3.99 1.06 -27.59
CA GLN B 46 -3.53 0.27 -26.43
C GLN B 46 -2.62 -0.84 -26.93
N LEU B 47 -3.08 -1.58 -27.94
CA LEU B 47 -2.27 -2.65 -28.51
C LEU B 47 -0.84 -2.16 -28.68
N GLY B 48 -0.66 -1.01 -29.31
CA GLY B 48 0.67 -0.46 -29.64
C GLY B 48 1.48 0.16 -28.52
N MET B 49 0.79 0.66 -27.51
CA MET B 49 1.45 1.16 -26.30
C MET B 49 2.05 0.00 -25.52
N ILE B 50 1.32 -1.11 -25.42
CA ILE B 50 1.76 -2.29 -24.66
C ILE B 50 2.95 -2.95 -25.33
N GLU B 51 2.89 -3.15 -26.62
CA GLU B 51 4.01 -3.68 -27.35
C GLU B 51 5.28 -2.83 -27.21
N LYS B 52 5.13 -1.50 -27.07
CA LYS B 52 6.28 -0.61 -26.79
C LYS B 52 6.79 -0.78 -25.38
N LEU B 53 5.88 -0.97 -24.43
CA LEU B 53 6.30 -1.28 -23.06
C LEU B 53 7.10 -2.61 -23.02
N VAL B 54 6.57 -3.65 -23.67
CA VAL B 54 7.23 -4.96 -23.70
C VAL B 54 8.61 -4.84 -24.39
N ALA B 55 8.68 -4.13 -25.52
CA ALA B 55 9.95 -3.94 -26.25
C ALA B 55 10.97 -3.08 -25.51
N ALA B 56 10.51 -2.08 -24.76
CA ALA B 56 11.38 -1.23 -23.94
C ALA B 56 12.08 -2.02 -22.84
N GLN B 57 11.41 -3.03 -22.29
CA GLN B 57 12.01 -3.91 -21.25
C GLN B 57 12.95 -5.02 -21.77
N GLN B 58 12.72 -5.59 -22.97
CA GLN B 58 13.60 -6.69 -23.44
C GLN B 58 15.08 -6.26 -23.32
N LEU B 69 29.28 -6.68 -18.24
CA LEU B 69 28.76 -6.10 -17.01
C LEU B 69 29.78 -6.20 -15.84
N ARG B 70 30.15 -5.05 -15.27
CA ARG B 70 31.10 -4.96 -14.17
C ARG B 70 30.40 -4.89 -12.81
N VAL B 71 30.12 -6.05 -12.22
CA VAL B 71 29.56 -6.14 -10.86
C VAL B 71 30.51 -6.97 -9.99
N THR B 72 30.85 -6.46 -8.80
CA THR B 72 31.72 -7.20 -7.88
C THR B 72 31.10 -8.58 -7.67
N PRO B 73 31.83 -9.67 -8.00
CA PRO B 73 31.16 -10.97 -8.04
C PRO B 73 30.83 -11.48 -6.66
N TRP B 74 30.02 -12.54 -6.62
CA TRP B 74 29.65 -13.18 -5.38
C TRP B 74 30.78 -14.12 -4.96
N PRO B 75 31.26 -14.00 -3.71
CA PRO B 75 32.30 -14.88 -3.19
C PRO B 75 31.79 -16.28 -2.83
N SER B 82 34.05 -13.41 8.29
CA SER B 82 35.09 -12.67 7.55
C SER B 82 34.54 -11.36 6.97
N ARG B 83 34.97 -10.24 7.56
CA ARG B 83 34.52 -8.87 7.21
C ARG B 83 34.67 -8.51 5.72
N GLU B 84 35.62 -9.16 5.02
CA GLU B 84 35.88 -8.88 3.60
C GLU B 84 34.85 -9.53 2.69
N ALA B 85 34.58 -10.82 2.91
CA ALA B 85 33.56 -11.55 2.13
C ALA B 85 32.14 -11.05 2.41
N ARG B 86 31.95 -10.49 3.60
CA ARG B 86 30.69 -9.90 4.02
C ARG B 86 30.39 -8.56 3.32
N GLN B 87 31.38 -7.67 3.32
CA GLN B 87 31.27 -6.36 2.65
C GLN B 87 31.18 -6.50 1.13
N GLN B 88 31.64 -7.62 0.59
CA GLN B 88 31.66 -7.87 -0.85
C GLN B 88 30.32 -8.39 -1.35
N ARG B 89 29.63 -9.16 -0.52
CA ARG B 89 28.28 -9.61 -0.84
C ARG B 89 27.34 -8.42 -0.89
N PHE B 90 27.49 -7.54 0.10
CA PHE B 90 26.71 -6.33 0.20
C PHE B 90 26.97 -5.51 -1.04
N ALA B 91 28.25 -5.37 -1.38
CA ALA B 91 28.67 -4.64 -2.57
C ALA B 91 28.13 -5.26 -3.86
N HIS B 92 28.00 -6.58 -3.91
CA HIS B 92 27.39 -7.27 -5.06
C HIS B 92 25.90 -6.97 -5.11
N PHE B 93 25.26 -6.98 -3.94
CA PHE B 93 23.82 -6.75 -3.90
C PHE B 93 23.51 -5.32 -4.29
N THR B 94 24.06 -4.37 -3.54
CA THR B 94 23.97 -2.94 -3.85
C THR B 94 24.33 -2.58 -5.30
N GLU B 95 25.17 -3.36 -5.98
CA GLU B 95 25.53 -3.04 -7.35
C GLU B 95 24.55 -3.61 -8.34
N LEU B 96 23.90 -4.71 -8.00
CA LEU B 96 22.69 -5.12 -8.70
C LEU B 96 21.56 -4.06 -8.59
N ALA B 97 21.30 -3.54 -7.40
CA ALA B 97 20.32 -2.46 -7.24
C ALA B 97 20.63 -1.28 -8.15
N ILE B 98 21.90 -0.88 -8.23
CA ILE B 98 22.30 0.20 -9.11
C ILE B 98 22.03 -0.12 -10.57
N VAL B 99 22.30 -1.35 -10.99
CA VAL B 99 21.98 -1.78 -12.37
C VAL B 99 20.48 -1.63 -12.60
N SER B 100 19.67 -2.05 -11.64
CA SER B 100 18.20 -1.97 -11.79
C SER B 100 17.73 -0.53 -11.92
N VAL B 101 18.19 0.36 -11.03
CA VAL B 101 17.82 1.77 -11.09
C VAL B 101 18.14 2.37 -12.46
N GLN B 102 19.37 2.20 -12.91
CA GLN B 102 19.73 2.59 -14.25
C GLN B 102 18.72 2.03 -15.25
N GLU B 103 18.37 0.74 -15.10
CA GLU B 103 17.39 0.04 -15.97
C GLU B 103 15.99 0.64 -15.86
N ILE B 104 15.62 1.05 -14.65
CA ILE B 104 14.33 1.66 -14.39
C ILE B 104 14.25 3.09 -14.96
N VAL B 105 15.36 3.81 -14.95
CA VAL B 105 15.38 5.14 -15.56
C VAL B 105 15.18 5.04 -17.08
N ASP B 106 15.95 4.19 -17.74
CA ASP B 106 15.84 4.09 -19.20
C ASP B 106 14.47 3.50 -19.61
N PHE B 107 13.85 2.71 -18.73
CA PHE B 107 12.53 2.18 -19.04
C PHE B 107 11.50 3.26 -18.95
N ALA B 108 11.55 4.06 -17.88
CA ALA B 108 10.63 5.19 -17.65
C ALA B 108 10.67 6.16 -18.78
N LYS B 109 11.87 6.55 -19.18
CA LYS B 109 12.03 7.41 -20.34
C LYS B 109 11.20 6.98 -21.56
N GLN B 110 10.92 5.67 -21.67
CA GLN B 110 10.18 5.13 -22.82
C GLN B 110 8.69 5.00 -22.56
N LEU B 111 8.26 5.33 -21.34
CA LEU B 111 6.85 5.33 -20.97
C LEU B 111 6.14 6.51 -21.62
N PRO B 112 5.19 6.23 -22.54
CA PRO B 112 4.34 7.28 -23.09
C PRO B 112 3.80 8.18 -21.99
N GLY B 113 4.06 9.48 -22.08
CA GLY B 113 3.68 10.44 -21.03
C GLY B 113 4.80 10.82 -20.07
N PHE B 114 5.84 9.99 -19.94
CA PHE B 114 6.76 10.15 -18.82
C PHE B 114 7.64 11.34 -18.97
N LEU B 115 8.26 11.50 -20.12
CA LEU B 115 9.21 12.60 -20.31
C LEU B 115 8.50 13.95 -20.48
N GLN B 116 7.22 13.93 -20.81
CA GLN B 116 6.43 15.17 -20.79
C GLN B 116 6.10 15.69 -19.38
N LEU B 117 6.17 14.85 -18.35
CA LEU B 117 6.09 15.31 -16.98
C LEU B 117 7.27 16.24 -16.78
N SER B 118 7.15 17.22 -15.90
CA SER B 118 8.32 18.05 -15.53
C SER B 118 9.42 17.15 -14.96
N ARG B 119 10.66 17.53 -15.18
CA ARG B 119 11.78 16.74 -14.68
C ARG B 119 11.63 16.46 -13.21
N GLU B 120 11.12 17.41 -12.45
CA GLU B 120 11.00 17.24 -10.99
C GLU B 120 10.10 16.05 -10.70
N ASP B 121 8.98 15.99 -11.42
CA ASP B 121 7.98 14.94 -11.22
C ASP B 121 8.52 13.59 -11.66
N GLN B 122 9.25 13.59 -12.78
CA GLN B 122 10.00 12.40 -13.22
C GLN B 122 10.85 11.78 -12.11
N ILE B 123 11.56 12.64 -11.38
CA ILE B 123 12.50 12.27 -10.31
C ILE B 123 11.74 11.98 -9.03
N ALA B 124 10.63 12.68 -8.83
CA ALA B 124 9.77 12.40 -7.70
C ALA B 124 9.18 10.98 -7.79
N LEU B 125 8.88 10.53 -9.02
CA LEU B 125 8.17 9.28 -9.23
C LEU B 125 9.13 8.08 -9.26
N LEU B 126 10.31 8.27 -9.85
CA LEU B 126 11.34 7.23 -9.93
C LEU B 126 12.00 7.09 -8.57
N LYS B 127 12.17 8.19 -7.85
CA LYS B 127 12.71 8.10 -6.47
C LYS B 127 12.04 7.02 -5.67
N THR B 128 10.72 7.03 -5.68
CA THR B 128 9.92 6.31 -4.71
C THR B 128 9.42 4.96 -5.22
N SER B 129 9.20 4.87 -6.51
CA SER B 129 8.75 3.61 -7.10
C SER B 129 9.94 2.68 -7.42
N ALA B 130 11.17 3.14 -7.26
CA ALA B 130 12.33 2.33 -7.66
C ALA B 130 12.35 1.02 -6.89
N ILE B 131 12.11 1.06 -5.58
CA ILE B 131 12.07 -0.17 -4.80
C ILE B 131 10.93 -1.10 -5.20
N GLU B 132 9.72 -0.56 -5.44
CA GLU B 132 8.56 -1.38 -5.80
C GLU B 132 8.82 -2.07 -7.14
N VAL B 133 9.54 -1.42 -8.06
CA VAL B 133 9.83 -2.01 -9.37
C VAL B 133 10.91 -3.06 -9.24
N MET B 134 11.88 -2.80 -8.36
CA MET B 134 12.87 -3.80 -8.00
C MET B 134 12.19 -5.05 -7.39
N LEU B 135 11.21 -4.87 -6.52
CA LEU B 135 10.46 -6.02 -6.02
C LEU B 135 9.62 -6.69 -7.11
N LEU B 136 9.12 -5.94 -8.06
CA LEU B 136 8.35 -6.56 -9.11
C LEU B 136 9.30 -7.42 -9.94
N GLU B 137 10.49 -6.90 -10.23
CA GLU B 137 11.46 -7.63 -11.09
C GLU B 137 12.10 -8.80 -10.35
N THR B 138 12.31 -8.66 -9.05
CA THR B 138 12.70 -9.79 -8.22
C THR B 138 11.65 -10.88 -8.29
N SER B 139 10.39 -10.48 -8.17
CA SER B 139 9.28 -11.45 -8.13
C SER B 139 9.17 -12.27 -9.42
N ARG B 140 9.57 -11.70 -10.56
CA ARG B 140 9.53 -12.43 -11.85
C ARG B 140 10.71 -13.36 -12.03
N ARG B 141 11.72 -13.21 -11.20
CA ARG B 141 12.88 -14.08 -11.27
C ARG B 141 12.80 -15.19 -10.21
N TYR B 142 11.65 -15.34 -9.55
CA TYR B 142 11.47 -16.32 -8.47
C TYR B 142 11.23 -17.74 -9.00
N ASN B 143 12.05 -18.68 -8.52
CA ASN B 143 11.95 -20.11 -8.79
C ASN B 143 11.21 -20.74 -7.63
N PRO B 144 9.94 -21.14 -7.82
CA PRO B 144 9.13 -21.65 -6.71
C PRO B 144 9.62 -22.99 -6.17
N GLY B 145 10.22 -23.78 -7.05
CA GLY B 145 10.84 -25.05 -6.72
C GLY B 145 11.89 -24.97 -5.62
N SER B 146 12.87 -24.10 -5.78
CA SER B 146 13.91 -24.00 -4.75
C SER B 146 13.71 -22.81 -3.85
N GLU B 147 12.63 -22.06 -4.08
CA GLU B 147 12.36 -20.77 -3.43
C GLU B 147 13.59 -19.87 -3.44
N SER B 148 14.16 -19.65 -4.62
CA SER B 148 15.31 -18.76 -4.81
C SER B 148 14.95 -17.68 -5.84
N ILE B 149 15.87 -16.74 -6.11
CA ILE B 149 15.69 -15.72 -7.15
C ILE B 149 16.89 -15.68 -8.07
N THR B 150 16.67 -15.86 -9.38
CA THR B 150 17.78 -15.89 -10.34
C THR B 150 18.10 -14.51 -10.94
N PHE B 151 19.06 -13.82 -10.33
CA PHE B 151 19.54 -12.56 -10.87
C PHE B 151 20.58 -12.85 -11.95
N LEU B 152 21.02 -11.80 -12.64
CA LEU B 152 22.05 -11.94 -13.69
C LEU B 152 21.69 -12.98 -14.76
N LYS B 153 20.45 -13.45 -14.77
CA LYS B 153 20.07 -14.63 -15.58
C LYS B 153 21.19 -15.67 -15.52
N ASP B 154 21.50 -16.14 -14.31
CA ASP B 154 22.73 -16.89 -14.09
C ASP B 154 22.80 -17.61 -12.71
N PHE B 155 22.95 -16.81 -11.65
CA PHE B 155 23.26 -17.27 -10.30
C PHE B 155 22.02 -17.09 -9.39
N SER B 156 21.63 -18.13 -8.68
CA SER B 156 20.41 -18.12 -7.86
C SER B 156 20.63 -17.85 -6.38
N TYR B 157 19.80 -16.98 -5.80
CA TYR B 157 19.92 -16.51 -4.42
C TYR B 157 18.68 -16.83 -3.58
N ASN B 158 18.87 -17.30 -2.36
CA ASN B 158 17.77 -17.68 -1.48
C ASN B 158 17.79 -16.84 -0.21
N ARG B 159 16.73 -16.93 0.59
CA ARG B 159 16.60 -16.13 1.82
C ARG B 159 17.91 -16.00 2.60
N GLU B 160 18.67 -17.08 2.67
CA GLU B 160 19.87 -17.09 3.48
C GLU B 160 20.97 -16.25 2.83
N ASP B 161 21.15 -16.41 1.52
CA ASP B 161 22.04 -15.55 0.71
C ASP B 161 21.67 -14.06 0.76
N PHE B 162 20.37 -13.74 0.81
CA PHE B 162 19.92 -12.36 1.03
C PHE B 162 20.43 -11.81 2.37
N ALA B 163 20.38 -12.64 3.41
CA ALA B 163 20.80 -12.25 4.76
C ALA B 163 22.33 -12.10 4.87
N LYS B 164 23.08 -12.94 4.18
CA LYS B 164 24.55 -12.80 4.09
C LYS B 164 25.00 -11.52 3.41
N ALA B 165 24.09 -10.89 2.66
CA ALA B 165 24.37 -9.67 1.89
C ALA B 165 24.09 -8.44 2.71
N GLY B 166 23.62 -8.62 3.95
CA GLY B 166 23.46 -7.52 4.91
C GLY B 166 22.01 -7.20 5.24
N LEU B 167 21.07 -7.81 4.51
CA LEU B 167 19.66 -7.46 4.65
C LEU B 167 19.10 -8.22 5.85
N GLN B 168 17.96 -7.78 6.38
CA GLN B 168 17.42 -8.34 7.63
C GLN B 168 16.18 -9.17 7.35
N VAL B 169 15.95 -10.19 8.18
CA VAL B 169 14.88 -11.16 7.92
C VAL B 169 13.50 -10.53 7.94
N GLU B 170 13.34 -9.42 8.66
CA GLU B 170 12.05 -8.67 8.66
C GLU B 170 11.63 -8.13 7.27
N PHE B 171 12.61 -7.95 6.37
CA PHE B 171 12.39 -7.50 5.00
C PHE B 171 12.54 -8.68 4.04
N ILE B 172 13.56 -9.51 4.24
CA ILE B 172 13.75 -10.70 3.39
C ILE B 172 12.51 -11.58 3.32
N ASN B 173 11.88 -11.84 4.46
CA ASN B 173 10.80 -12.78 4.49
C ASN B 173 9.62 -12.27 3.68
N PRO B 174 9.20 -11.00 3.88
CA PRO B 174 8.19 -10.42 3.00
C PRO B 174 8.53 -10.37 1.50
N ILE B 175 9.79 -10.09 1.18
CA ILE B 175 10.19 -10.11 -0.21
C ILE B 175 9.77 -11.44 -0.81
N PHE B 176 10.19 -12.52 -0.17
CA PHE B 176 9.94 -13.89 -0.62
C PHE B 176 8.47 -14.29 -0.51
N GLU B 177 7.78 -13.81 0.50
CA GLU B 177 6.36 -14.06 0.59
C GLU B 177 5.64 -13.39 -0.58
N PHE B 178 5.97 -12.13 -0.90
CA PHE B 178 5.40 -11.41 -2.06
C PHE B 178 5.74 -12.07 -3.40
N SER B 179 6.98 -12.50 -3.55
CA SER B 179 7.42 -13.20 -4.74
C SER B 179 6.64 -14.49 -4.90
N ARG B 180 6.43 -15.21 -3.79
CA ARG B 180 5.67 -16.45 -3.83
C ARG B 180 4.28 -16.14 -4.34
N ALA B 181 3.64 -15.12 -3.77
CA ALA B 181 2.28 -14.73 -4.17
C ALA B 181 2.16 -14.24 -5.63
N MET B 182 3.14 -13.46 -6.10
CA MET B 182 3.15 -13.02 -7.52
C MET B 182 3.36 -14.17 -8.50
N ASN B 183 4.11 -15.19 -8.09
CA ASN B 183 4.31 -16.36 -8.93
C ASN B 183 3.02 -17.13 -9.20
N GLU B 184 2.15 -17.20 -8.20
CA GLU B 184 0.88 -17.89 -8.34
C GLU B 184 -0.03 -17.25 -9.39
N LEU B 185 0.09 -15.94 -9.59
CA LEU B 185 -0.65 -15.22 -10.65
C LEU B 185 -0.07 -15.45 -12.06
N GLN B 186 1.15 -15.97 -12.14
CA GLN B 186 1.77 -16.29 -13.45
C GLN B 186 1.55 -15.19 -14.49
N LEU B 187 1.99 -13.96 -14.20
CA LEU B 187 1.86 -12.86 -15.17
C LEU B 187 2.83 -13.09 -16.31
N ASN B 188 2.51 -12.53 -17.49
CA ASN B 188 3.44 -12.56 -18.61
C ASN B 188 4.11 -11.19 -18.78
N ASP B 189 5.00 -11.08 -19.76
CA ASP B 189 5.79 -9.87 -19.92
C ASP B 189 5.00 -8.56 -19.97
N ALA B 190 3.82 -8.57 -20.60
CA ALA B 190 3.04 -7.35 -20.77
C ALA B 190 2.44 -6.94 -19.44
N GLU B 191 1.88 -7.91 -18.76
CA GLU B 191 1.27 -7.66 -17.45
C GLU B 191 2.30 -7.09 -16.46
N PHE B 192 3.52 -7.62 -16.43
CA PHE B 192 4.58 -7.05 -15.60
C PHE B 192 4.93 -5.63 -16.01
N ALA B 193 5.08 -5.40 -17.32
CA ALA B 193 5.37 -4.08 -17.89
C ALA B 193 4.30 -3.04 -17.50
N LEU B 194 3.04 -3.44 -17.58
CA LEU B 194 1.95 -2.53 -17.32
C LEU B 194 1.84 -2.25 -15.83
N LEU B 195 2.02 -3.27 -14.99
CA LEU B 195 2.09 -3.08 -13.54
C LEU B 195 3.19 -2.12 -13.14
N ILE B 196 4.34 -2.21 -13.80
CA ILE B 196 5.46 -1.32 -13.47
C ILE B 196 5.13 0.11 -13.93
N ALA B 197 4.52 0.25 -15.11
CA ALA B 197 4.07 1.56 -15.55
C ALA B 197 3.10 2.11 -14.53
N ILE B 198 2.20 1.27 -14.03
CA ILE B 198 1.18 1.73 -13.10
C ILE B 198 1.81 2.14 -11.76
N SER B 199 2.82 1.41 -11.32
CA SER B 199 3.50 1.74 -10.07
C SER B 199 4.20 3.07 -10.20
N ILE B 200 4.93 3.26 -11.30
CA ILE B 200 5.71 4.49 -11.56
C ILE B 200 4.78 5.75 -11.58
N PHE B 201 3.64 5.64 -12.23
CA PHE B 201 2.69 6.73 -12.34
C PHE B 201 1.71 6.85 -11.17
N SER B 202 2.23 6.84 -9.95
CA SER B 202 1.39 7.00 -8.75
C SER B 202 1.26 8.47 -8.38
N ALA B 203 0.08 9.05 -8.52
CA ALA B 203 -0.10 10.48 -8.23
C ALA B 203 0.14 10.85 -6.77
N ASP B 204 0.21 9.88 -5.86
CA ASP B 204 0.27 10.20 -4.43
C ASP B 204 1.67 10.17 -3.79
N ARG B 205 2.72 9.84 -4.53
CA ARG B 205 4.09 9.88 -3.98
C ARG B 205 4.42 11.23 -3.33
N PRO B 206 5.25 11.24 -2.27
CA PRO B 206 5.68 12.54 -1.78
C PRO B 206 6.17 13.46 -2.91
N ASN B 207 5.81 14.73 -2.82
CA ASN B 207 6.41 15.79 -3.65
C ASN B 207 6.13 15.75 -5.16
N VAL B 208 5.09 15.04 -5.60
CA VAL B 208 4.69 15.10 -7.02
C VAL B 208 3.89 16.38 -7.17
N GLN B 209 4.24 17.25 -8.14
CA GLN B 209 3.46 18.50 -8.31
C GLN B 209 2.21 18.39 -9.11
N ASP B 210 2.31 18.02 -10.39
CA ASP B 210 1.10 17.84 -11.20
C ASP B 210 0.49 16.47 -10.93
N GLN B 211 -0.15 16.37 -9.76
CA GLN B 211 -0.83 15.17 -9.34
C GLN B 211 -1.86 14.72 -10.34
N LEU B 212 -2.57 15.67 -10.93
CA LEU B 212 -3.74 15.37 -11.78
C LEU B 212 -3.32 14.66 -13.06
N GLN B 213 -2.22 15.11 -13.66
CA GLN B 213 -1.75 14.50 -14.88
C GLN B 213 -1.09 13.17 -14.66
N VAL B 214 -0.39 13.04 -13.56
CA VAL B 214 0.17 11.74 -13.20
C VAL B 214 -0.96 10.72 -13.02
N GLU B 215 -2.00 11.09 -12.29
CA GLU B 215 -3.19 10.23 -12.19
C GLU B 215 -3.85 9.91 -13.54
N ARG B 216 -3.94 10.88 -14.44
CA ARG B 216 -4.55 10.65 -15.76
C ARG B 216 -3.74 9.65 -16.58
N LEU B 217 -2.42 9.72 -16.44
CA LEU B 217 -1.53 8.77 -17.11
C LEU B 217 -1.68 7.34 -16.53
N GLN B 218 -1.82 7.24 -15.21
CA GLN B 218 -1.98 5.96 -14.51
C GLN B 218 -3.23 5.22 -14.94
N HIS B 219 -4.33 5.95 -15.08
CA HIS B 219 -5.59 5.36 -15.56
C HIS B 219 -5.50 4.85 -16.98
N THR B 220 -4.77 5.54 -17.86
CA THR B 220 -4.60 5.00 -19.22
C THR B 220 -3.93 3.63 -19.18
N TYR B 221 -2.93 3.45 -18.34
CA TYR B 221 -2.26 2.16 -18.23
C TYR B 221 -3.17 1.21 -17.50
N VAL B 222 -3.89 1.69 -16.49
CA VAL B 222 -4.84 0.82 -15.78
C VAL B 222 -5.87 0.23 -16.73
N GLU B 223 -6.37 1.04 -17.66
CA GLU B 223 -7.36 0.59 -18.65
C GLU B 223 -6.73 -0.36 -19.68
N ALA B 224 -5.51 -0.05 -20.15
CA ALA B 224 -4.80 -0.93 -21.08
C ALA B 224 -4.65 -2.29 -20.44
N LEU B 225 -4.22 -2.33 -19.18
CA LEU B 225 -4.15 -3.56 -18.42
C LEU B 225 -5.50 -4.26 -18.35
N HIS B 226 -6.55 -3.51 -18.07
CA HIS B 226 -7.90 -4.11 -17.95
C HIS B 226 -8.19 -4.83 -19.24
N ALA B 227 -8.05 -4.09 -20.34
CA ALA B 227 -8.35 -4.59 -21.69
C ALA B 227 -7.50 -5.81 -22.03
N TYR B 228 -6.20 -5.74 -21.76
CA TYR B 228 -5.29 -6.82 -22.08
C TYR B 228 -5.62 -8.10 -21.31
N VAL B 229 -5.92 -7.96 -20.04
CA VAL B 229 -6.19 -9.12 -19.20
C VAL B 229 -7.50 -9.80 -19.53
N SER B 230 -8.44 -9.10 -20.17
CA SER B 230 -9.69 -9.70 -20.67
C SER B 230 -9.49 -10.62 -21.88
N ILE B 231 -8.35 -10.48 -22.54
CA ILE B 231 -7.96 -11.30 -23.68
C ILE B 231 -7.12 -12.47 -23.19
N HIS B 232 -6.21 -12.18 -22.26
CA HIS B 232 -5.32 -13.20 -21.71
C HIS B 232 -6.04 -14.13 -20.74
N HIS B 233 -7.01 -13.57 -19.98
CA HIS B 233 -7.81 -14.28 -18.98
C HIS B 233 -9.30 -14.03 -19.19
N PRO B 234 -9.89 -14.62 -20.26
CA PRO B 234 -11.28 -14.31 -20.62
C PRO B 234 -12.35 -14.87 -19.67
N HIS B 235 -12.01 -15.84 -18.81
CA HIS B 235 -12.99 -16.43 -17.88
C HIS B 235 -12.81 -16.02 -16.43
N ASP B 236 -11.58 -15.71 -16.00
CA ASP B 236 -11.36 -15.21 -14.63
C ASP B 236 -11.36 -13.68 -14.61
N ARG B 237 -12.53 -13.09 -14.32
CA ARG B 237 -12.69 -11.63 -14.21
C ARG B 237 -11.96 -11.02 -13.00
N LEU B 238 -11.50 -11.89 -12.10
CA LEU B 238 -10.70 -11.50 -10.92
C LEU B 238 -9.22 -11.27 -11.20
N MET B 239 -8.72 -11.65 -12.37
CA MET B 239 -7.28 -11.55 -12.59
C MET B 239 -6.84 -10.11 -12.69
N PHE B 240 -7.66 -9.27 -13.29
CA PHE B 240 -7.35 -7.85 -13.35
C PHE B 240 -7.21 -7.32 -11.92
N PRO B 241 -8.28 -7.35 -11.09
CA PRO B 241 -8.16 -6.83 -9.71
C PRO B 241 -7.08 -7.50 -8.89
N ARG B 242 -6.94 -8.82 -8.98
CA ARG B 242 -5.85 -9.49 -8.27
C ARG B 242 -4.48 -8.88 -8.57
N MET B 243 -4.29 -8.39 -9.79
CA MET B 243 -3.02 -7.75 -10.14
C MET B 243 -2.85 -6.37 -9.56
N LEU B 244 -3.93 -5.60 -9.46
CA LEU B 244 -3.87 -4.24 -8.92
C LEU B 244 -3.64 -4.28 -7.41
N MET B 245 -4.28 -5.24 -6.76
CA MET B 245 -4.14 -5.45 -5.31
C MET B 245 -2.69 -5.74 -4.90
N LYS B 246 -1.88 -6.16 -5.85
CA LYS B 246 -0.49 -6.41 -5.56
C LYS B 246 0.26 -5.12 -5.36
N LEU B 247 -0.23 -4.02 -5.90
CA LEU B 247 0.32 -2.70 -5.67
C LEU B 247 0.09 -2.25 -4.23
N VAL B 248 -1.00 -2.74 -3.61
CA VAL B 248 -1.22 -2.54 -2.17
C VAL B 248 -0.10 -3.17 -1.36
N SER B 249 0.15 -4.46 -1.56
CA SER B 249 1.24 -5.17 -0.87
C SER B 249 2.60 -4.50 -1.06
N LEU B 250 2.86 -3.96 -2.25
CA LEU B 250 4.14 -3.30 -2.54
C LEU B 250 4.35 -1.97 -1.77
N ARG B 251 3.28 -1.28 -1.42
CA ARG B 251 3.42 -0.11 -0.55
C ARG B 251 3.93 -0.52 0.80
N THR B 252 3.33 -1.56 1.37
CA THR B 252 3.81 -2.13 2.64
C THR B 252 5.29 -2.52 2.57
N LEU B 253 5.68 -3.22 1.51
CA LEU B 253 7.10 -3.62 1.34
C LEU B 253 8.02 -2.41 1.23
N SER B 254 7.54 -1.39 0.52
CA SER B 254 8.29 -0.15 0.38
C SER B 254 8.47 0.50 1.74
N SER B 255 7.53 0.28 2.64
CA SER B 255 7.70 0.75 4.02
C SER B 255 8.69 -0.09 4.82
N VAL B 256 8.53 -1.41 4.77
CA VAL B 256 9.47 -2.35 5.39
C VAL B 256 10.90 -2.05 4.92
N HIS B 257 11.04 -1.71 3.65
CA HIS B 257 12.34 -1.31 3.11
C HIS B 257 12.89 -0.08 3.81
N SER B 258 12.07 0.93 4.08
CA SER B 258 12.61 2.13 4.67
C SER B 258 13.22 1.81 6.03
N GLU B 259 12.63 0.86 6.75
CA GLU B 259 13.19 0.35 8.01
C GLU B 259 14.51 -0.37 7.80
N GLN B 260 14.61 -1.15 6.73
CA GLN B 260 15.88 -1.75 6.34
C GLN B 260 16.96 -0.69 6.10
N VAL B 261 16.62 0.34 5.33
CA VAL B 261 17.56 1.46 5.09
C VAL B 261 17.94 2.19 6.41
N PHE B 262 17.01 2.27 7.35
CA PHE B 262 17.30 2.83 8.65
C PHE B 262 18.15 1.90 9.53
N ALA B 263 17.89 0.59 9.50
CA ALA B 263 18.75 -0.42 10.16
C ALA B 263 20.19 -0.35 9.64
N LEU B 264 20.36 -0.16 8.34
CA LEU B 264 21.68 0.10 7.75
C LEU B 264 22.34 1.37 8.34
N ARG B 265 21.54 2.39 8.65
CA ARG B 265 22.06 3.59 9.32
C ARG B 265 22.69 3.23 10.65
N LEU B 266 21.88 2.67 11.53
CA LEU B 266 22.31 2.34 12.88
C LEU B 266 23.50 1.36 12.99
N GLN B 267 23.74 0.53 11.96
CA GLN B 267 24.94 -0.32 11.95
C GLN B 267 26.02 0.21 10.97
N ASP B 268 25.86 1.48 10.61
CA ASP B 268 26.88 2.27 9.85
C ASP B 268 27.44 1.53 8.63
N LYS B 269 26.53 1.13 7.75
CA LYS B 269 26.85 0.30 6.59
C LYS B 269 26.47 1.11 5.35
N LYS B 270 27.46 1.66 4.66
CA LYS B 270 27.25 2.71 3.65
C LYS B 270 26.71 2.23 2.29
N LEU B 271 25.53 2.74 1.92
CA LEU B 271 24.99 2.56 0.55
C LEU B 271 25.85 3.35 -0.44
N PRO B 272 25.99 2.83 -1.67
CA PRO B 272 26.74 3.60 -2.66
C PRO B 272 25.96 4.86 -3.01
N PRO B 273 26.61 5.83 -3.67
CA PRO B 273 26.04 7.17 -3.86
C PRO B 273 24.67 7.23 -4.56
N LEU B 274 24.49 6.49 -5.65
CA LEU B 274 23.21 6.49 -6.36
C LEU B 274 22.03 6.03 -5.52
N LEU B 275 22.23 5.05 -4.63
CA LEU B 275 21.14 4.50 -3.83
C LEU B 275 20.95 5.26 -2.51
N SER B 276 22.03 5.84 -2.03
CA SER B 276 21.99 6.74 -0.89
C SER B 276 21.13 7.96 -1.21
N GLU B 277 21.40 8.53 -2.38
CA GLU B 277 20.60 9.58 -2.99
C GLU B 277 19.09 9.30 -3.02
N ILE B 278 18.67 8.14 -3.54
CA ILE B 278 17.24 7.83 -3.65
C ILE B 278 16.60 7.28 -2.37
N TRP B 279 17.36 6.59 -1.52
CA TRP B 279 16.82 5.90 -0.32
C TRP B 279 17.15 6.48 1.05
N ASP B 280 18.28 7.16 1.19
CA ASP B 280 18.66 7.73 2.49
C ASP B 280 17.99 9.09 2.71
N VAL B 281 17.60 9.36 3.96
CA VAL B 281 16.96 10.64 4.35
C VAL B 281 18.04 11.61 4.80
N HIS B 282 18.21 12.71 4.05
CA HIS B 282 19.36 13.61 4.18
C HIS B 282 19.05 14.74 5.17
N SER C 7 0.27 -16.56 21.64
CA SER C 7 -0.67 -16.30 20.54
C SER C 7 -0.99 -14.79 20.43
N LEU C 8 -1.53 -14.39 19.28
CA LEU C 8 -2.08 -13.04 19.12
C LEU C 8 -3.26 -12.87 20.07
N THR C 9 -4.03 -13.94 20.26
CA THR C 9 -5.20 -13.92 21.14
C THR C 9 -4.88 -13.57 22.61
N GLU C 10 -3.83 -14.14 23.19
CA GLU C 10 -3.51 -13.81 24.60
C GLU C 10 -2.88 -12.41 24.78
N ARG C 11 -2.33 -11.87 23.69
CA ARG C 11 -1.77 -10.53 23.70
C ARG C 11 -2.81 -9.48 23.31
N HIS C 12 -4.02 -9.91 22.97
CA HIS C 12 -5.10 -9.00 22.58
C HIS C 12 -6.39 -9.35 23.31
N LYS C 13 -6.40 -9.09 24.61
CA LYS C 13 -7.50 -9.50 25.48
C LYS C 13 -8.75 -8.64 25.39
N ILE C 14 -8.60 -7.33 25.22
CA ILE C 14 -9.77 -6.45 25.02
C ILE C 14 -10.45 -6.73 23.68
N LEU C 15 -9.66 -6.78 22.62
CA LEU C 15 -10.21 -7.09 21.28
C LEU C 15 -10.83 -8.48 21.24
N HIS C 16 -10.18 -9.45 21.85
CA HIS C 16 -10.74 -10.78 21.91
C HIS C 16 -12.13 -10.83 22.57
N ARG C 17 -12.23 -10.31 23.80
CA ARG C 17 -13.53 -10.21 24.50
C ARG C 17 -14.61 -9.54 23.68
N LEU C 18 -14.27 -8.46 22.97
CA LEU C 18 -15.19 -7.81 22.02
C LEU C 18 -15.63 -8.75 20.90
N LEU C 19 -14.69 -9.52 20.34
CA LEU C 19 -15.05 -10.51 19.33
C LEU C 19 -15.92 -11.63 19.94
N GLN C 20 -15.69 -11.95 21.22
CA GLN C 20 -16.51 -12.96 21.94
C GLN C 20 -17.93 -12.54 22.26
N GLU C 21 -18.10 -11.34 22.81
CA GLU C 21 -19.44 -10.86 23.20
C GLU C 21 -20.35 -10.72 21.98
N SER D 7 14.24 21.97 -4.39
CA SER D 7 13.65 20.99 -5.31
C SER D 7 14.27 19.63 -5.00
N LEU D 8 13.67 18.56 -5.48
CA LEU D 8 14.32 17.24 -5.44
C LEU D 8 15.47 17.20 -6.41
N THR D 9 15.31 17.89 -7.54
CA THR D 9 16.34 17.88 -8.59
C THR D 9 17.69 18.26 -8.00
N GLU D 10 17.75 19.37 -7.27
CA GLU D 10 19.00 19.82 -6.64
C GLU D 10 19.57 18.74 -5.71
N ARG D 11 18.72 17.91 -5.11
CA ARG D 11 19.15 16.87 -4.18
CA ARG D 11 19.20 16.89 -4.20
C ARG D 11 19.46 15.52 -4.83
N HIS D 12 19.04 15.33 -6.09
CA HIS D 12 19.16 14.05 -6.83
C HIS D 12 20.00 14.14 -8.12
N LYS D 13 21.25 14.56 -7.95
CA LYS D 13 22.13 14.83 -9.08
C LYS D 13 22.35 13.62 -9.96
N ILE D 14 22.60 12.46 -9.36
CA ILE D 14 22.93 11.24 -10.15
C ILE D 14 21.73 10.83 -10.95
N LEU D 15 20.57 10.81 -10.30
CA LEU D 15 19.32 10.43 -10.98
C LEU D 15 19.01 11.43 -12.08
N HIS D 16 19.14 12.73 -11.76
CA HIS D 16 18.93 13.79 -12.74
C HIS D 16 19.82 13.60 -13.96
N ARG D 17 21.10 13.32 -13.75
CA ARG D 17 22.03 13.05 -14.86
C ARG D 17 21.65 11.80 -15.65
N LEU D 18 21.17 10.76 -14.99
CA LEU D 18 20.68 9.56 -15.71
C LEU D 18 19.49 9.93 -16.59
N LEU D 19 18.61 10.80 -16.06
CA LEU D 19 17.46 11.29 -16.82
C LEU D 19 17.90 12.20 -18.02
N GLN D 20 18.84 13.10 -17.78
CA GLN D 20 19.43 13.92 -18.87
C GLN D 20 20.06 13.10 -19.99
N GLU D 21 20.95 12.17 -19.63
CA GLU D 21 21.83 11.52 -20.62
C GLU D 21 21.09 10.65 -21.62
S SO4 E . -13.78 -18.08 21.38
S SO4 E . -13.73 -18.09 21.38
O1 SO4 E . -13.60 -16.64 21.24
O1 SO4 E . -13.49 -16.65 21.53
O2 SO4 E . -15.18 -18.42 21.12
O2 SO4 E . -15.01 -18.33 20.74
O3 SO4 E . -12.93 -18.78 20.43
O3 SO4 E . -12.66 -18.68 20.58
O4 SO4 E . -13.44 -18.42 22.76
O4 SO4 E . -13.75 -18.69 22.71
C1 O90 F . -16.29 7.91 15.00
C2 O90 F . -15.88 7.77 13.64
C4 O90 F . -14.49 7.67 13.34
C5 O90 F . -13.55 7.72 14.34
C6 O90 F . -13.94 7.84 15.66
C8 O90 F . -15.29 7.93 15.99
S10 O90 F . -11.81 7.59 13.98
C11 O90 F . -11.38 9.32 13.67
C14 O90 F . -11.49 10.14 14.96
C17 O90 F . -10.47 9.64 15.97
O20 O90 F . -9.24 9.95 15.37
C21 O90 F . -8.06 9.51 15.89
C22 O90 F . -7.06 9.38 14.90
C23 O90 F . -5.82 8.95 15.39
C24 O90 F . -5.57 8.69 16.72
C25 O90 F . -6.58 8.85 17.67
C27 O90 F . -7.83 9.27 17.23
C29 O90 F . -4.22 8.31 16.66
N30 O90 F . -3.64 8.34 15.44
O31 O90 F . -4.73 8.76 14.57
C32 O90 F . -3.47 7.93 17.88
F33 O90 F . -2.12 7.96 17.65
F34 O90 F . -3.75 6.63 18.24
F35 O90 F . -3.76 8.76 18.95
C36 O90 F . -7.27 9.67 13.44
C39 O90 F . -7.43 8.43 12.58
C42 O90 F . -8.37 8.71 11.42
CL46 O90 F . -13.83 7.52 11.75
C47 O90 F . -17.70 8.01 15.53
C50 O90 F . -18.84 8.32 14.61
O51 O90 F . -18.85 8.48 13.41
O52 O90 F . -20.01 8.42 15.28
C1 O90 G . 18.83 -7.24 -12.27
C2 O90 G . 17.54 -7.68 -11.96
C4 O90 G . 16.95 -7.34 -10.73
C5 O90 G . 17.63 -6.56 -9.81
C6 O90 G . 18.91 -6.09 -10.13
C8 O90 G . 19.50 -6.43 -11.34
S10 O90 G . 16.85 -6.14 -8.27
C11 O90 G . 18.22 -6.23 -7.08
C14 O90 G . 18.28 -7.61 -6.41
C17 O90 G . 18.98 -7.54 -5.05
O20 O90 G . 19.05 -6.15 -4.90
C21 O90 G . 19.04 -5.43 -3.76
C22 O90 G . 17.79 -5.25 -3.11
C23 O90 G . 17.86 -4.47 -1.94
C24 O90 G . 19.05 -3.91 -1.50
C25 O90 G . 20.26 -4.09 -2.18
C27 O90 G . 20.22 -4.85 -3.32
C29 O90 G . 18.64 -3.24 -0.35
N30 O90 G . 17.33 -3.31 -0.03
O31 O90 G . 16.80 -4.14 -1.11
C32 O90 G . 19.65 -2.48 0.43
F33 O90 G . 19.00 -1.73 1.38
F34 O90 G . 20.38 -1.61 -0.34
F35 O90 G . 20.60 -3.29 1.00
C36 O90 G . 16.54 -5.90 -3.64
C39 O90 G . 15.21 -5.53 -3.00
C42 O90 G . 14.11 -6.32 -3.69
CL46 O90 G . 15.37 -7.89 -10.33
C47 O90 G . 19.46 -7.55 -13.60
C50 O90 G . 20.06 -8.91 -13.79
O51 O90 G . 21.17 -9.13 -14.24
O52 O90 G . 19.21 -9.89 -13.41
S SO4 H . 17.22 19.38 -17.59
S SO4 H . 17.21 19.35 -17.59
O1 SO4 H . 18.38 19.65 -16.74
O1 SO4 H . 18.34 19.67 -16.73
O2 SO4 H . 16.91 20.53 -18.42
O2 SO4 H . 17.03 20.38 -18.61
O3 SO4 H . 17.53 18.26 -18.47
O3 SO4 H . 17.48 18.09 -18.27
O4 SO4 H . 16.08 19.08 -16.73
O4 SO4 H . 15.99 19.24 -16.80
#